data_3ZO3
#
_entry.id   3ZO3
#
_cell.length_a   72.830
_cell.length_b   76.200
_cell.length_c   80.500
_cell.angle_alpha   90.00
_cell.angle_beta   90.00
_cell.angle_gamma   90.00
#
_symmetry.space_group_name_H-M   'P 21 21 21'
#
loop_
_entity.id
_entity.type
_entity.pdbx_description
1 polymer 'CAMP-DEPENDENT PROTEIN KINASE CATALYTIC SUBUNIT ALPHA'
2 polymer 'CAMP-DEPENDENT PROTEIN KINASE INHIBITOR ALPHA'
3 non-polymer 6-(2,9-DIAZASPIRO[5.5]UNDECAN-2-YL)-9H-PURINE
4 non-polymer METHANOL
5 non-polymer GLYCEROL
6 water water
#
loop_
_entity_poly.entity_id
_entity_poly.type
_entity_poly.pdbx_seq_one_letter_code
_entity_poly.pdbx_strand_id
1 'polypeptide(L)'
;MGNAAAAKKGSEQESVKEFLAKAKEDFLKKWENPAQNTAHLDQFERIKTLGTGSFGRVMLVKHMETGNHYAMKILDKQKV
VKLKQIEHTLNEKRILQAVNFPFLVKLEFSFKDNSNLYMVMEYVPGGEMFSHLRRIGRF(SEP)EPHARFYAAQIVLTFE
YLHSLDLIYRDLKPENLLIDQQGYIQVTDFGFAKRVKGRTW(TPO)LCGTPEYLAPEIILSKGYNKAVDWWALGVLIYEM
AAGYPPFFADQPIQIYEKIVSGKVRFPSHFSSDLKDLLRNLLQVDLTKRFGNLKNGVNDIKNHKWFATTDWIAIYQRKVE
APFIPKFKGPGDTSNFDDYEEEEIRV(SEP)INEKCGKEFSEF
;
A
2 'polypeptide(L)' TTYADFIASGRTGRRNAIHD I
#
loop_
_chem_comp.id
_chem_comp.type
_chem_comp.name
_chem_comp.formula
GOL non-polymer GLYCEROL 'C3 H8 O3'
MOH non-polymer METHANOL 'C H4 O'
QNI non-polymer 6-(2,9-DIAZASPIRO[5.5]UNDECAN-2-YL)-9H-PURINE 'C14 H20 N6'
#
# COMPACT_ATOMS: atom_id res chain seq x y z
N GLU A 12 26.43 0.87 -11.45
CA GLU A 12 25.13 1.54 -11.43
C GLU A 12 24.06 0.55 -10.99
N GLN A 13 23.81 -0.50 -11.81
CA GLN A 13 22.90 -1.59 -11.47
C GLN A 13 23.68 -2.63 -10.62
N GLU A 14 25.02 -2.50 -10.54
CA GLU A 14 25.90 -3.33 -9.70
C GLU A 14 25.74 -2.89 -8.23
N SER A 15 25.65 -1.56 -8.01
CA SER A 15 25.42 -0.91 -6.71
C SER A 15 24.02 -1.29 -6.19
N VAL A 16 23.01 -1.33 -7.09
CA VAL A 16 21.64 -1.76 -6.80
C VAL A 16 21.69 -3.25 -6.38
N LYS A 17 22.38 -4.10 -7.16
CA LYS A 17 22.58 -5.55 -6.89
C LYS A 17 23.18 -5.78 -5.49
N GLU A 18 24.25 -5.04 -5.14
CA GLU A 18 24.93 -5.12 -3.85
C GLU A 18 23.99 -4.71 -2.75
N PHE A 19 23.31 -3.55 -2.95
CA PHE A 19 22.33 -3.05 -1.98
C PHE A 19 21.28 -4.11 -1.72
N LEU A 20 20.71 -4.69 -2.80
CA LEU A 20 19.65 -5.67 -2.70
C LEU A 20 20.09 -6.98 -2.05
N ALA A 21 21.35 -7.38 -2.24
CA ALA A 21 21.90 -8.62 -1.64
C ALA A 21 21.98 -8.52 -0.11
N LYS A 22 22.46 -7.37 0.42
CA LYS A 22 22.56 -7.13 1.86
C LYS A 22 21.16 -6.99 2.45
N ALA A 23 20.22 -6.39 1.67
CA ALA A 23 18.82 -6.24 2.07
C ALA A 23 18.17 -7.62 2.23
N LYS A 24 18.47 -8.55 1.32
CA LYS A 24 17.91 -9.89 1.40
C LYS A 24 18.45 -10.63 2.63
N GLU A 25 19.75 -10.45 2.94
CA GLU A 25 20.40 -11.04 4.10
C GLU A 25 19.70 -10.56 5.42
N ASP A 26 19.44 -9.25 5.54
CA ASP A 26 18.75 -8.71 6.73
C ASP A 26 17.32 -9.24 6.82
N PHE A 27 16.62 -9.28 5.69
CA PHE A 27 15.23 -9.71 5.65
C PHE A 27 15.06 -11.16 6.09
N LEU A 28 15.86 -12.08 5.51
CA LEU A 28 15.78 -13.50 5.82
C LEU A 28 15.99 -13.85 7.28
N LYS A 29 16.88 -13.14 7.99
CA LYS A 29 17.13 -13.35 9.42
C LYS A 29 15.82 -13.12 10.22
N LYS A 30 15.10 -12.03 9.89
CA LYS A 30 13.85 -11.69 10.54
C LYS A 30 12.72 -12.57 10.04
N TRP A 31 12.73 -12.93 8.75
CA TRP A 31 11.70 -13.78 8.14
C TRP A 31 11.71 -15.17 8.81
N GLU A 32 12.92 -15.72 9.03
CA GLU A 32 13.11 -17.03 9.66
C GLU A 32 12.91 -17.02 11.18
N ASN A 33 13.16 -15.88 11.82
CA ASN A 33 13.03 -15.73 13.28
C ASN A 33 12.20 -14.48 13.65
N PRO A 34 10.85 -14.53 13.46
CA PRO A 34 10.04 -13.32 13.70
C PRO A 34 9.93 -12.78 15.12
N ALA A 35 9.94 -11.45 15.27
CA ALA A 35 9.69 -10.78 16.55
C ALA A 35 8.20 -11.07 16.90
N GLN A 36 7.97 -11.37 18.17
CA GLN A 36 6.67 -11.75 18.69
C GLN A 36 6.52 -11.24 20.10
N ASN A 37 5.29 -10.81 20.46
CA ASN A 37 4.89 -10.36 21.81
C ASN A 37 5.84 -9.30 22.37
N THR A 38 5.96 -8.16 21.68
CA THR A 38 6.92 -7.10 22.05
C THR A 38 6.37 -5.98 22.89
N ALA A 39 5.08 -6.05 23.19
CA ALA A 39 4.43 -5.04 24.03
C ALA A 39 3.15 -5.63 24.56
N HIS A 40 2.40 -4.81 25.33
CA HIS A 40 1.12 -5.17 25.90
C HIS A 40 0.15 -4.02 25.67
N LEU A 41 -1.17 -4.32 25.54
CA LEU A 41 -2.22 -3.29 25.34
C LEU A 41 -2.18 -2.17 26.42
N ASP A 42 -1.92 -2.55 27.68
CA ASP A 42 -1.90 -1.63 28.82
C ASP A 42 -0.77 -0.59 28.77
N GLN A 43 0.15 -0.74 27.80
CA GLN A 43 1.28 0.18 27.65
C GLN A 43 0.90 1.38 26.78
N PHE A 44 -0.32 1.36 26.24
CA PHE A 44 -0.78 2.39 25.32
C PHE A 44 -2.01 3.07 25.76
N GLU A 45 -2.06 4.37 25.49
CA GLU A 45 -3.21 5.19 25.78
C GLU A 45 -3.91 5.31 24.43
N ARG A 46 -5.17 4.88 24.37
CA ARG A 46 -5.98 4.91 23.15
C ARG A 46 -6.54 6.30 22.96
N ILE A 47 -6.27 6.93 21.82
CA ILE A 47 -6.66 8.33 21.58
C ILE A 47 -7.85 8.52 20.63
N LYS A 48 -7.75 8.03 19.39
CA LYS A 48 -8.78 8.27 18.38
C LYS A 48 -8.67 7.26 17.26
N THR A 49 -9.82 6.90 16.66
CA THR A 49 -9.83 6.00 15.50
C THR A 49 -9.45 6.79 14.27
N LEU A 50 -8.35 6.35 13.58
CA LEU A 50 -7.82 6.95 12.36
C LEU A 50 -8.50 6.38 11.12
N GLY A 51 -8.97 5.14 11.20
CA GLY A 51 -9.65 4.45 10.13
C GLY A 51 -10.19 3.10 10.56
N THR A 52 -11.22 2.64 9.86
CA THR A 52 -11.90 1.36 10.11
C THR A 52 -12.31 0.79 8.76
N GLY A 53 -12.09 -0.51 8.59
CA GLY A 53 -12.49 -1.20 7.37
C GLY A 53 -12.21 -2.68 7.43
N SER A 54 -11.92 -3.30 6.24
CA SER A 54 -11.58 -4.72 6.11
C SER A 54 -10.22 -5.02 6.75
N PHE A 55 -9.35 -3.99 6.82
CA PHE A 55 -8.04 -4.03 7.49
C PHE A 55 -8.19 -4.05 9.04
N GLY A 56 -9.41 -3.96 9.56
CA GLY A 56 -9.69 -3.89 10.99
C GLY A 56 -9.97 -2.47 11.42
N ARG A 57 -9.49 -2.09 12.60
CA ARG A 57 -9.61 -0.73 13.13
C ARG A 57 -8.19 -0.22 13.41
N VAL A 58 -7.89 1.01 13.02
CA VAL A 58 -6.58 1.60 13.31
C VAL A 58 -6.81 2.83 14.18
N MET A 59 -6.13 2.87 15.31
CA MET A 59 -6.26 3.94 16.28
C MET A 59 -4.95 4.65 16.57
N LEU A 60 -5.04 5.97 16.80
CA LEU A 60 -3.90 6.73 17.23
C LEU A 60 -3.71 6.39 18.74
N VAL A 61 -2.50 5.97 19.10
CA VAL A 61 -2.17 5.59 20.48
C VAL A 61 -0.92 6.33 20.95
N LYS A 62 -0.75 6.48 22.27
CA LYS A 62 0.44 7.07 22.85
C LYS A 62 1.15 6.01 23.72
N HIS A 63 2.41 5.70 23.41
CA HIS A 63 3.21 4.78 24.23
C HIS A 63 3.63 5.53 25.50
N MET A 64 3.12 5.13 26.70
CA MET A 64 3.43 5.88 27.92
C MET A 64 4.89 5.90 28.34
N GLU A 65 5.64 4.80 28.14
CA GLU A 65 7.06 4.81 28.53
C GLU A 65 7.98 5.80 27.75
N THR A 66 7.58 6.16 26.53
CA THR A 66 8.35 7.04 25.65
C THR A 66 7.62 8.38 25.33
N GLY A 67 6.28 8.36 25.37
CA GLY A 67 5.46 9.51 24.96
C GLY A 67 5.30 9.61 23.47
N ASN A 68 5.78 8.57 22.74
CA ASN A 68 5.68 8.53 21.30
C ASN A 68 4.27 8.17 20.89
N HIS A 69 3.81 8.73 19.77
CA HIS A 69 2.49 8.40 19.22
C HIS A 69 2.69 7.31 18.17
N TYR A 70 1.72 6.42 18.04
CA TYR A 70 1.74 5.32 17.06
C TYR A 70 0.35 5.09 16.51
N ALA A 71 0.26 4.26 15.46
CA ALA A 71 -0.99 3.84 14.84
C ALA A 71 -1.12 2.37 15.16
N MET A 72 -2.10 2.04 15.95
CA MET A 72 -2.28 0.66 16.38
C MET A 72 -3.43 0.04 15.63
N LYS A 73 -3.13 -1.03 14.87
CA LYS A 73 -4.15 -1.80 14.18
C LYS A 73 -4.65 -2.88 15.11
N ILE A 74 -5.98 -2.96 15.23
CA ILE A 74 -6.66 -3.94 16.04
C ILE A 74 -7.41 -4.87 15.10
N LEU A 75 -7.17 -6.17 15.22
CA LEU A 75 -7.89 -7.20 14.45
C LEU A 75 -8.57 -8.15 15.42
N ASP A 76 -9.87 -8.30 15.23
CA ASP A 76 -10.68 -9.24 15.99
C ASP A 76 -10.37 -10.66 15.41
N LYS A 77 -9.80 -11.55 16.24
CA LYS A 77 -9.46 -12.94 15.83
C LYS A 77 -10.65 -13.73 15.23
N GLN A 78 -11.83 -13.62 15.85
CA GLN A 78 -13.04 -14.32 15.37
C GLN A 78 -13.51 -13.79 14.02
N LYS A 79 -13.39 -12.48 13.79
CA LYS A 79 -13.72 -11.86 12.50
C LYS A 79 -12.71 -12.27 11.41
N VAL A 80 -11.40 -12.34 11.74
CA VAL A 80 -10.35 -12.77 10.80
C VAL A 80 -10.68 -14.22 10.34
N VAL A 81 -11.03 -15.11 11.28
CA VAL A 81 -11.41 -16.51 11.02
C VAL A 81 -12.63 -16.59 10.10
N LYS A 82 -13.77 -15.95 10.47
CA LYS A 82 -15.00 -15.94 9.65
C LYS A 82 -14.74 -15.42 8.25
N LEU A 83 -13.88 -14.37 8.13
CA LEU A 83 -13.53 -13.80 6.83
C LEU A 83 -12.47 -14.58 6.00
N LYS A 84 -11.96 -15.70 6.54
CA LYS A 84 -10.92 -16.56 5.92
C LYS A 84 -9.62 -15.80 5.66
N GLN A 85 -9.24 -14.91 6.60
CA GLN A 85 -8.02 -14.15 6.46
C GLN A 85 -6.92 -14.61 7.40
N ILE A 86 -6.96 -15.85 7.90
CA ILE A 86 -5.94 -16.31 8.85
C ILE A 86 -4.53 -16.21 8.23
N GLU A 87 -4.29 -16.96 7.14
CA GLU A 87 -2.98 -17.03 6.48
C GLU A 87 -2.51 -15.66 6.01
N HIS A 88 -3.43 -14.85 5.44
CA HIS A 88 -3.15 -13.47 5.01
C HIS A 88 -2.70 -12.59 6.18
N THR A 89 -3.32 -12.77 7.37
CA THR A 89 -2.98 -12.01 8.58
C THR A 89 -1.59 -12.46 9.08
N LEU A 90 -1.29 -13.75 9.00
CA LEU A 90 0.02 -14.29 9.43
C LEU A 90 1.12 -13.79 8.48
N ASN A 91 0.82 -13.73 7.15
CA ASN A 91 1.70 -13.16 6.11
C ASN A 91 1.96 -11.69 6.43
N GLU A 92 0.88 -10.91 6.64
CA GLU A 92 0.98 -9.47 6.91
C GLU A 92 1.99 -9.16 8.03
N LYS A 93 1.81 -9.79 9.20
CA LYS A 93 2.69 -9.55 10.33
C LYS A 93 4.13 -10.07 10.13
N ARG A 94 4.27 -11.27 9.55
CA ARG A 94 5.57 -11.89 9.32
C ARG A 94 6.45 -11.06 8.37
N ILE A 95 5.83 -10.53 7.32
CA ILE A 95 6.51 -9.72 6.32
C ILE A 95 6.83 -8.35 6.89
N LEU A 96 5.82 -7.64 7.44
CA LEU A 96 5.99 -6.29 7.98
C LEU A 96 7.08 -6.17 9.04
N GLN A 97 7.17 -7.15 9.94
CA GLN A 97 8.23 -7.14 10.98
C GLN A 97 9.61 -7.42 10.36
N ALA A 98 9.65 -8.03 9.15
CA ALA A 98 10.92 -8.40 8.49
C ALA A 98 11.52 -7.37 7.54
N VAL A 99 10.67 -6.52 6.91
CA VAL A 99 11.10 -5.52 5.92
C VAL A 99 11.71 -4.24 6.55
N ASN A 100 12.46 -3.49 5.75
CA ASN A 100 13.13 -2.25 6.13
C ASN A 100 13.43 -1.47 4.83
N PHE A 101 12.66 -0.42 4.54
CA PHE A 101 12.83 0.45 3.34
C PHE A 101 12.30 1.83 3.65
N PRO A 102 12.87 2.94 3.11
CA PRO A 102 12.39 4.28 3.47
C PRO A 102 10.92 4.56 3.23
N PHE A 103 10.27 3.83 2.27
CA PHE A 103 8.85 4.08 1.96
C PHE A 103 7.87 3.06 2.54
N LEU A 104 8.38 2.17 3.43
CA LEU A 104 7.56 1.13 4.06
C LEU A 104 7.38 1.48 5.50
N VAL A 105 6.10 1.56 5.98
CA VAL A 105 5.83 1.92 7.39
C VAL A 105 6.50 0.89 8.32
N LYS A 106 7.07 1.35 9.42
CA LYS A 106 7.72 0.43 10.37
C LYS A 106 6.73 -0.19 11.33
N LEU A 107 6.86 -1.51 11.56
CA LEU A 107 6.05 -2.18 12.58
C LEU A 107 6.93 -2.06 13.84
N GLU A 108 6.46 -1.31 14.88
CA GLU A 108 7.22 -1.09 16.13
C GLU A 108 7.01 -2.20 17.16
N PHE A 109 5.77 -2.70 17.30
CA PHE A 109 5.41 -3.75 18.25
C PHE A 109 4.24 -4.54 17.72
N SER A 110 4.14 -5.80 18.14
CA SER A 110 3.00 -6.65 17.83
C SER A 110 2.80 -7.52 19.07
N PHE A 111 1.53 -7.88 19.31
CA PHE A 111 1.12 -8.70 20.45
C PHE A 111 -0.31 -9.11 20.23
N LYS A 112 -0.80 -10.00 21.07
CA LYS A 112 -2.18 -10.48 21.00
C LYS A 112 -2.74 -10.73 22.38
N ASP A 113 -4.06 -10.74 22.47
CA ASP A 113 -4.70 -11.06 23.71
C ASP A 113 -5.73 -12.13 23.41
N ASN A 114 -6.68 -12.35 24.32
CA ASN A 114 -7.70 -13.39 24.19
C ASN A 114 -8.57 -13.13 22.99
N SER A 115 -8.82 -11.85 22.68
CA SER A 115 -9.73 -11.46 21.61
C SER A 115 -9.12 -10.94 20.34
N ASN A 116 -8.06 -10.17 20.49
CA ASN A 116 -7.50 -9.44 19.39
C ASN A 116 -6.06 -9.69 19.06
N LEU A 117 -5.68 -9.24 17.85
CA LEU A 117 -4.29 -9.18 17.40
C LEU A 117 -4.00 -7.67 17.29
N TYR A 118 -2.77 -7.27 17.56
CA TYR A 118 -2.40 -5.86 17.55
C TYR A 118 -1.11 -5.61 16.82
N MET A 119 -1.11 -4.62 15.93
CA MET A 119 0.13 -4.24 15.22
C MET A 119 0.33 -2.74 15.46
N VAL A 120 1.41 -2.39 16.14
CA VAL A 120 1.68 -0.99 16.48
C VAL A 120 2.74 -0.50 15.50
N MET A 121 2.31 0.43 14.63
CA MET A 121 3.12 0.94 13.56
C MET A 121 3.42 2.40 13.75
N GLU A 122 4.39 2.94 12.99
CA GLU A 122 4.69 4.36 13.05
C GLU A 122 3.43 5.09 12.58
N TYR A 123 3.14 6.18 13.26
CA TYR A 123 2.01 7.06 12.95
C TYR A 123 2.49 8.02 11.81
N VAL A 124 1.74 8.07 10.70
CA VAL A 124 2.09 8.90 9.52
C VAL A 124 1.02 9.97 9.51
N PRO A 125 1.38 11.20 9.98
CA PRO A 125 0.34 12.22 10.23
C PRO A 125 -0.25 13.00 9.07
N GLY A 126 0.37 12.90 7.89
CA GLY A 126 -0.05 13.62 6.70
C GLY A 126 -1.34 13.17 6.06
N GLY A 127 -1.85 12.02 6.47
CA GLY A 127 -3.10 11.50 5.96
C GLY A 127 -2.94 10.70 4.68
N GLU A 128 -4.04 10.14 4.20
CA GLU A 128 -3.96 9.32 3.00
C GLU A 128 -3.81 10.16 1.73
N MET A 129 -3.02 9.65 0.75
CA MET A 129 -2.87 10.23 -0.59
C MET A 129 -4.29 10.37 -1.17
N PHE A 130 -5.14 9.37 -0.92
CA PHE A 130 -6.53 9.39 -1.37
C PHE A 130 -7.28 10.66 -1.00
N SER A 131 -7.12 11.09 0.27
CA SER A 131 -7.81 12.30 0.75
C SER A 131 -7.36 13.53 -0.03
N HIS A 132 -6.02 13.67 -0.19
CA HIS A 132 -5.44 14.82 -0.88
C HIS A 132 -5.79 14.81 -2.38
N LEU A 133 -5.71 13.61 -3.00
CA LEU A 133 -6.00 13.41 -4.40
C LEU A 133 -7.45 13.77 -4.74
N ARG A 134 -8.42 13.29 -3.95
CA ARG A 134 -9.85 13.62 -4.19
C ARG A 134 -10.18 15.11 -4.00
N ARG A 135 -9.63 15.72 -2.96
CA ARG A 135 -9.85 17.14 -2.70
C ARG A 135 -9.26 18.06 -3.82
N ILE A 136 -7.97 17.88 -4.18
CA ILE A 136 -7.25 18.67 -5.19
C ILE A 136 -7.78 18.36 -6.60
N GLY A 137 -8.25 17.13 -6.80
CA GLY A 137 -8.78 16.67 -8.06
C GLY A 137 -7.78 15.77 -8.75
N ARG A 138 -6.59 16.29 -9.04
CA ARG A 138 -5.49 15.56 -9.69
C ARG A 138 -4.14 16.20 -9.39
N PHE A 139 -3.07 15.44 -9.56
CA PHE A 139 -1.71 15.89 -9.36
C PHE A 139 -1.13 16.18 -10.71
N SEP A 140 -0.27 17.23 -10.81
CA SEP A 140 0.40 17.54 -12.06
CB SEP A 140 1.21 18.89 -11.96
OG SEP A 140 2.22 18.67 -10.95
C SEP A 140 1.38 16.38 -12.30
O SEP A 140 1.73 15.67 -11.36
P SEP A 140 2.90 20.00 -10.37
O1P SEP A 140 4.14 19.55 -9.58
O2P SEP A 140 3.31 20.88 -11.54
O3P SEP A 140 1.97 20.70 -9.32
N GLU A 141 1.84 16.19 -13.53
CA GLU A 141 2.81 15.12 -13.83
C GLU A 141 4.06 15.12 -12.95
N PRO A 142 4.76 16.24 -12.70
CA PRO A 142 5.91 16.18 -11.78
C PRO A 142 5.55 15.71 -10.36
N HIS A 143 4.36 16.08 -9.86
CA HIS A 143 3.86 15.68 -8.54
C HIS A 143 3.63 14.15 -8.52
N ALA A 144 2.84 13.62 -9.50
CA ALA A 144 2.59 12.17 -9.61
C ALA A 144 3.90 11.37 -9.79
N ARG A 145 4.85 11.90 -10.56
CA ARG A 145 6.15 11.27 -10.84
C ARG A 145 6.97 11.08 -9.56
N PHE A 146 7.00 12.11 -8.70
CA PHE A 146 7.65 12.08 -7.37
C PHE A 146 7.13 10.88 -6.57
N TYR A 147 5.78 10.69 -6.48
CA TYR A 147 5.17 9.54 -5.73
C TYR A 147 5.41 8.21 -6.48
N ALA A 148 5.18 8.19 -7.80
CA ALA A 148 5.41 7.01 -8.64
C ALA A 148 6.83 6.45 -8.47
N ALA A 149 7.85 7.34 -8.37
CA ALA A 149 9.25 6.94 -8.25
C ALA A 149 9.51 6.16 -6.96
N GLN A 150 8.84 6.57 -5.87
CA GLN A 150 8.92 5.94 -4.56
C GLN A 150 8.32 4.52 -4.59
N ILE A 151 7.19 4.32 -5.32
CA ILE A 151 6.57 2.99 -5.47
C ILE A 151 7.47 2.08 -6.31
N VAL A 152 8.03 2.60 -7.44
CA VAL A 152 8.97 1.86 -8.33
C VAL A 152 10.14 1.28 -7.48
N LEU A 153 10.77 2.13 -6.62
CA LEU A 153 11.86 1.67 -5.76
C LEU A 153 11.35 0.65 -4.70
N THR A 154 10.16 0.91 -4.12
CA THR A 154 9.57 0.03 -3.13
C THR A 154 9.30 -1.36 -3.73
N PHE A 155 8.68 -1.41 -4.92
CA PHE A 155 8.43 -2.71 -5.61
C PHE A 155 9.73 -3.38 -6.03
N GLU A 156 10.73 -2.59 -6.42
CA GLU A 156 12.04 -3.19 -6.73
C GLU A 156 12.57 -3.91 -5.47
N TYR A 157 12.51 -3.23 -4.30
CA TYR A 157 12.91 -3.81 -3.02
C TYR A 157 12.09 -5.07 -2.64
N LEU A 158 10.75 -4.96 -2.67
CA LEU A 158 9.83 -6.06 -2.30
C LEU A 158 9.94 -7.30 -3.17
N HIS A 159 9.92 -7.11 -4.48
CA HIS A 159 10.02 -8.21 -5.46
C HIS A 159 11.35 -8.93 -5.36
N SER A 160 12.45 -8.22 -5.00
CA SER A 160 13.78 -8.87 -4.86
C SER A 160 13.74 -9.84 -3.65
N LEU A 161 12.82 -9.61 -2.67
CA LEU A 161 12.67 -10.47 -1.48
C LEU A 161 11.63 -11.58 -1.76
N ASP A 162 11.17 -11.70 -3.03
CA ASP A 162 10.17 -12.67 -3.48
C ASP A 162 8.79 -12.31 -2.94
N LEU A 163 8.58 -11.03 -2.64
CA LEU A 163 7.29 -10.60 -2.09
C LEU A 163 6.40 -10.01 -3.16
N ILE A 164 5.12 -10.36 -3.14
CA ILE A 164 4.09 -9.79 -4.05
C ILE A 164 3.29 -8.89 -3.13
N TYR A 165 2.98 -7.65 -3.56
CA TYR A 165 2.34 -6.66 -2.70
C TYR A 165 0.81 -6.73 -2.75
N ARG A 166 0.19 -6.60 -3.96
CA ARG A 166 -1.24 -6.81 -4.27
C ARG A 166 -2.27 -5.86 -3.63
N ASP A 167 -1.85 -4.76 -3.02
CA ASP A 167 -2.84 -3.89 -2.36
C ASP A 167 -2.52 -2.40 -2.62
N LEU A 168 -1.95 -2.11 -3.78
CA LEU A 168 -1.62 -0.72 -4.14
C LEU A 168 -2.86 0.08 -4.53
N LYS A 169 -3.01 1.27 -3.91
CA LYS A 169 -4.09 2.21 -4.18
C LYS A 169 -3.88 3.47 -3.34
N PRO A 170 -4.43 4.65 -3.73
CA PRO A 170 -4.19 5.87 -2.92
C PRO A 170 -4.67 5.74 -1.47
N GLU A 171 -5.71 4.89 -1.20
CA GLU A 171 -6.22 4.64 0.15
C GLU A 171 -5.17 3.90 1.02
N ASN A 172 -4.13 3.34 0.42
CA ASN A 172 -3.09 2.58 1.16
C ASN A 172 -1.72 3.23 1.14
N LEU A 173 -1.67 4.53 0.79
CA LEU A 173 -0.44 5.30 0.76
C LEU A 173 -0.65 6.53 1.61
N LEU A 174 0.27 6.78 2.56
CA LEU A 174 0.14 7.91 3.47
C LEU A 174 1.24 8.91 3.19
N ILE A 175 1.03 10.18 3.57
CA ILE A 175 2.03 11.22 3.31
C ILE A 175 2.68 11.57 4.63
N ASP A 176 3.99 11.46 4.72
CA ASP A 176 4.65 11.78 5.96
C ASP A 176 4.86 13.31 6.13
N GLN A 177 5.49 13.73 7.24
CA GLN A 177 5.74 15.14 7.53
C GLN A 177 6.66 15.81 6.48
N GLN A 178 7.53 15.02 5.84
CA GLN A 178 8.47 15.49 4.83
C GLN A 178 7.90 15.43 3.39
N GLY A 179 6.63 15.00 3.25
CA GLY A 179 5.95 14.92 1.96
C GLY A 179 6.17 13.64 1.19
N TYR A 180 6.93 12.69 1.76
CA TYR A 180 7.21 11.38 1.13
C TYR A 180 6.12 10.35 1.49
N ILE A 181 6.01 9.32 0.65
CA ILE A 181 5.06 8.20 0.75
C ILE A 181 5.50 7.19 1.80
N GLN A 182 4.50 6.61 2.47
CA GLN A 182 4.61 5.49 3.41
C GLN A 182 3.56 4.48 2.99
N VAL A 183 4.02 3.30 2.54
CA VAL A 183 3.17 2.17 2.17
C VAL A 183 2.77 1.49 3.47
N THR A 184 1.46 1.45 3.77
CA THR A 184 0.99 0.97 5.08
C THR A 184 0.18 -0.33 5.14
N ASP A 185 -0.15 -0.94 4.00
CA ASP A 185 -1.07 -2.09 4.03
C ASP A 185 -0.49 -3.38 3.50
N PHE A 186 -0.14 -4.29 4.40
CA PHE A 186 0.45 -5.57 4.03
C PHE A 186 -0.48 -6.77 4.14
N GLY A 187 -1.79 -6.53 4.21
CA GLY A 187 -2.77 -7.60 4.32
C GLY A 187 -2.81 -8.62 3.20
N PHE A 188 -2.41 -8.24 1.99
CA PHE A 188 -2.41 -9.18 0.86
C PHE A 188 -0.98 -9.54 0.45
N ALA A 189 0.02 -9.01 1.18
CA ALA A 189 1.43 -9.32 0.85
C ALA A 189 1.73 -10.81 1.04
N LYS A 190 2.53 -11.42 0.14
CA LYS A 190 2.83 -12.85 0.22
C LYS A 190 4.21 -13.11 -0.33
N ARG A 191 5.00 -13.95 0.38
CA ARG A 191 6.30 -14.41 -0.07
C ARG A 191 6.07 -15.71 -0.91
N VAL A 192 6.24 -15.59 -2.21
CA VAL A 192 5.98 -16.70 -3.12
C VAL A 192 7.00 -16.67 -4.26
N LYS A 193 7.58 -17.82 -4.56
CA LYS A 193 8.55 -17.90 -5.66
C LYS A 193 7.90 -18.17 -7.01
N GLY A 194 6.92 -19.06 -7.04
CA GLY A 194 6.21 -19.34 -8.29
C GLY A 194 5.02 -18.43 -8.54
N ARG A 195 3.93 -19.03 -9.01
CA ARG A 195 2.71 -18.31 -9.27
C ARG A 195 1.76 -18.46 -8.07
N THR A 196 0.75 -17.61 -7.99
CA THR A 196 -0.22 -17.62 -6.90
C THR A 196 -1.60 -17.41 -7.53
N TRP A 197 -2.68 -17.73 -6.81
CA TRP A 197 -4.02 -17.73 -7.41
C TRP A 197 -5.09 -16.98 -6.63
N TPO A 198 -4.78 -16.46 -5.44
CA TPO A 198 -5.80 -15.79 -4.62
CB TPO A 198 -5.32 -15.42 -3.17
CG2 TPO A 198 -6.59 -15.02 -2.31
OG1 TPO A 198 -4.66 -16.61 -2.61
P TPO A 198 -3.18 -16.46 -2.25
O1P TPO A 198 -2.94 -15.37 -1.19
O2P TPO A 198 -2.70 -17.82 -1.90
O3P TPO A 198 -2.49 -16.05 -3.49
C TPO A 198 -6.43 -14.59 -5.29
O TPO A 198 -5.75 -13.74 -5.78
N LEU A 199 -7.75 -14.55 -5.33
CA LEU A 199 -8.50 -13.42 -5.84
C LEU A 199 -8.53 -12.38 -4.71
N CYS A 200 -7.69 -11.36 -4.79
CA CYS A 200 -7.63 -10.33 -3.74
C CYS A 200 -7.12 -9.08 -4.39
N GLY A 201 -7.44 -7.97 -3.75
CA GLY A 201 -7.05 -6.62 -4.14
C GLY A 201 -8.28 -5.76 -4.27
N THR A 202 -8.22 -4.68 -5.06
CA THR A 202 -9.36 -3.75 -5.22
C THR A 202 -9.82 -3.75 -6.67
N PRO A 203 -11.14 -3.73 -6.96
CA PRO A 203 -11.58 -3.87 -8.38
C PRO A 203 -10.85 -3.04 -9.43
N GLU A 204 -10.76 -1.72 -9.18
CA GLU A 204 -10.13 -0.75 -10.08
C GLU A 204 -8.68 -1.07 -10.40
N TYR A 205 -7.93 -1.69 -9.43
CA TYR A 205 -6.49 -2.00 -9.52
C TYR A 205 -6.10 -3.42 -9.99
N LEU A 206 -7.07 -4.32 -10.15
CA LEU A 206 -6.79 -5.71 -10.53
C LEU A 206 -6.31 -5.86 -11.97
N ALA A 207 -5.18 -6.57 -12.14
CA ALA A 207 -4.62 -6.97 -13.42
C ALA A 207 -5.59 -7.96 -14.13
N PRO A 208 -5.63 -8.01 -15.51
CA PRO A 208 -6.55 -8.94 -16.21
C PRO A 208 -6.34 -10.40 -15.83
N GLU A 209 -5.10 -10.81 -15.54
CA GLU A 209 -4.83 -12.20 -15.16
C GLU A 209 -5.44 -12.62 -13.80
N ILE A 210 -5.65 -11.66 -12.86
CA ILE A 210 -6.30 -11.92 -11.57
C ILE A 210 -7.81 -12.14 -11.87
N ILE A 211 -8.46 -11.19 -12.62
CA ILE A 211 -9.88 -11.29 -13.00
C ILE A 211 -10.12 -12.60 -13.76
N LEU A 212 -9.16 -13.03 -14.58
CA LEU A 212 -9.37 -14.24 -15.38
C LEU A 212 -9.02 -15.60 -14.71
N SER A 213 -8.77 -15.56 -13.38
CA SER A 213 -8.45 -16.71 -12.50
C SER A 213 -7.28 -17.53 -13.02
N LYS A 214 -6.26 -16.83 -13.44
CA LYS A 214 -5.04 -17.49 -13.90
C LYS A 214 -4.07 -17.45 -12.71
N GLY A 215 -3.00 -18.21 -12.80
CA GLY A 215 -1.92 -18.12 -11.82
C GLY A 215 -1.20 -16.84 -12.18
N TYR A 216 -0.89 -15.98 -11.23
CA TYR A 216 -0.24 -14.73 -11.58
C TYR A 216 1.01 -14.50 -10.71
N ASN A 217 1.77 -13.47 -11.02
CA ASN A 217 3.00 -13.20 -10.29
C ASN A 217 3.18 -11.69 -10.03
N LYS A 218 4.40 -11.23 -9.72
CA LYS A 218 4.71 -9.83 -9.43
C LYS A 218 4.35 -8.82 -10.51
N ALA A 219 4.07 -9.29 -11.73
CA ALA A 219 3.63 -8.43 -12.84
C ALA A 219 2.29 -7.76 -12.51
N VAL A 220 1.48 -8.35 -11.59
CA VAL A 220 0.23 -7.68 -11.18
C VAL A 220 0.51 -6.34 -10.44
N ASP A 221 1.66 -6.22 -9.73
CA ASP A 221 2.01 -5.00 -9.01
C ASP A 221 2.41 -3.90 -10.00
N TRP A 222 3.01 -4.28 -11.16
CA TRP A 222 3.42 -3.32 -12.17
C TRP A 222 2.18 -2.78 -12.90
N TRP A 223 1.18 -3.66 -13.14
CA TRP A 223 -0.13 -3.25 -13.70
C TRP A 223 -0.78 -2.24 -12.72
N ALA A 224 -0.85 -2.56 -11.41
CA ALA A 224 -1.48 -1.69 -10.38
C ALA A 224 -0.74 -0.33 -10.33
N LEU A 225 0.60 -0.31 -10.57
CA LEU A 225 1.35 0.94 -10.65
C LEU A 225 0.84 1.78 -11.84
N GLY A 226 0.55 1.14 -12.99
CA GLY A 226 0.00 1.83 -14.15
C GLY A 226 -1.31 2.50 -13.76
N VAL A 227 -2.17 1.77 -13.01
CA VAL A 227 -3.46 2.26 -12.49
C VAL A 227 -3.26 3.45 -11.55
N LEU A 228 -2.30 3.35 -10.62
CA LEU A 228 -2.00 4.43 -9.67
C LEU A 228 -1.51 5.68 -10.41
N ILE A 229 -0.56 5.55 -11.34
CA ILE A 229 -0.03 6.71 -12.06
C ILE A 229 -1.13 7.42 -12.83
N TYR A 230 -1.96 6.65 -13.56
CA TYR A 230 -3.09 7.20 -14.30
C TYR A 230 -4.03 8.00 -13.35
N GLU A 231 -4.46 7.40 -12.21
CA GLU A 231 -5.43 8.02 -11.29
C GLU A 231 -4.86 9.30 -10.67
N MET A 232 -3.58 9.28 -10.28
CA MET A 232 -2.91 10.46 -9.72
C MET A 232 -2.93 11.60 -10.75
N ALA A 233 -2.55 11.31 -12.02
CA ALA A 233 -2.42 12.33 -13.07
C ALA A 233 -3.77 12.74 -13.68
N ALA A 234 -4.77 11.83 -13.71
CA ALA A 234 -6.08 12.16 -14.29
C ALA A 234 -7.10 12.64 -13.26
N GLY A 235 -7.02 12.13 -12.00
CA GLY A 235 -8.01 12.43 -10.97
C GLY A 235 -9.12 11.38 -10.87
N TYR A 236 -9.06 10.37 -11.75
CA TYR A 236 -10.01 9.27 -11.82
C TYR A 236 -9.27 8.08 -12.40
N PRO A 237 -9.68 6.83 -12.07
CA PRO A 237 -8.94 5.66 -12.58
C PRO A 237 -9.21 5.36 -14.07
N PRO A 238 -8.32 4.56 -14.75
CA PRO A 238 -8.54 4.26 -16.18
C PRO A 238 -9.77 3.39 -16.43
N PHE A 239 -10.17 2.60 -15.41
CA PHE A 239 -11.33 1.70 -15.51
C PHE A 239 -12.23 1.90 -14.26
N PHE A 240 -13.39 2.53 -14.48
CA PHE A 240 -14.37 2.75 -13.42
C PHE A 240 -15.78 2.55 -13.95
N ALA A 241 -16.69 2.15 -13.07
CA ALA A 241 -18.11 1.92 -13.34
C ALA A 241 -18.78 1.87 -11.98
N ASP A 242 -20.11 1.86 -11.92
CA ASP A 242 -20.81 1.81 -10.63
C ASP A 242 -20.71 0.43 -9.96
N GLN A 243 -20.60 -0.64 -10.79
CA GLN A 243 -20.50 -2.02 -10.33
C GLN A 243 -19.17 -2.70 -10.70
N PRO A 244 -18.55 -3.47 -9.76
CA PRO A 244 -17.26 -4.14 -10.05
C PRO A 244 -17.22 -5.02 -11.31
N ILE A 245 -18.33 -5.77 -11.65
CA ILE A 245 -18.47 -6.58 -12.88
C ILE A 245 -18.21 -5.73 -14.13
N GLN A 246 -18.70 -4.48 -14.14
CA GLN A 246 -18.52 -3.56 -15.26
C GLN A 246 -17.05 -3.07 -15.28
N ILE A 247 -16.41 -2.90 -14.09
CA ILE A 247 -15.00 -2.52 -14.06
C ILE A 247 -14.15 -3.65 -14.68
N TYR A 248 -14.47 -4.93 -14.36
CA TYR A 248 -13.74 -6.12 -14.85
C TYR A 248 -13.84 -6.23 -16.33
N GLU A 249 -15.04 -6.00 -16.88
CA GLU A 249 -15.30 -6.00 -18.31
C GLU A 249 -14.39 -5.00 -19.02
N LYS A 250 -14.20 -3.79 -18.43
CA LYS A 250 -13.32 -2.76 -19.00
C LYS A 250 -11.84 -3.16 -18.89
N ILE A 251 -11.41 -3.77 -17.77
CA ILE A 251 -10.01 -4.19 -17.60
C ILE A 251 -9.62 -5.28 -18.60
N VAL A 252 -10.49 -6.31 -18.77
CA VAL A 252 -10.22 -7.41 -19.71
C VAL A 252 -10.24 -7.00 -21.18
N SER A 253 -11.09 -6.02 -21.54
CA SER A 253 -11.07 -5.50 -22.91
C SER A 253 -9.72 -4.75 -22.95
N GLY A 254 -9.00 -4.82 -24.06
CA GLY A 254 -7.69 -4.19 -24.15
C GLY A 254 -7.70 -2.73 -24.56
N LYS A 255 -8.60 -1.89 -23.94
CA LYS A 255 -8.76 -0.46 -24.28
C LYS A 255 -8.65 0.49 -23.10
N VAL A 256 -7.82 1.54 -23.23
CA VAL A 256 -7.56 2.60 -22.25
C VAL A 256 -7.66 3.93 -23.03
N ARG A 257 -8.29 4.96 -22.43
CA ARG A 257 -8.40 6.29 -23.02
C ARG A 257 -7.69 7.25 -22.10
N PHE A 258 -6.88 8.14 -22.63
CA PHE A 258 -6.14 9.08 -21.79
C PHE A 258 -6.66 10.47 -21.92
N PRO A 259 -6.68 11.25 -20.80
CA PRO A 259 -7.04 12.68 -20.88
C PRO A 259 -6.11 13.39 -21.88
N SER A 260 -6.64 14.39 -22.60
CA SER A 260 -5.88 15.16 -23.60
C SER A 260 -4.68 15.89 -23.01
N HIS A 261 -4.70 16.19 -21.68
CA HIS A 261 -3.59 16.85 -20.99
C HIS A 261 -2.41 15.90 -20.70
N PHE A 262 -2.60 14.58 -20.83
CA PHE A 262 -1.50 13.63 -20.61
C PHE A 262 -0.38 13.83 -21.64
N SER A 263 0.90 13.90 -21.18
CA SER A 263 2.05 14.04 -22.07
C SER A 263 2.23 12.76 -22.87
N SER A 264 2.94 12.86 -24.01
CA SER A 264 3.24 11.72 -24.87
C SER A 264 4.04 10.66 -24.13
N ASP A 265 5.00 11.08 -23.26
CA ASP A 265 5.85 10.18 -22.43
C ASP A 265 5.01 9.43 -21.42
N LEU A 266 4.06 10.13 -20.76
CA LEU A 266 3.17 9.52 -19.79
C LEU A 266 2.27 8.44 -20.45
N LYS A 267 1.69 8.74 -21.60
CA LYS A 267 0.83 7.78 -22.33
C LYS A 267 1.64 6.58 -22.76
N ASP A 268 2.91 6.82 -23.15
CA ASP A 268 3.76 5.74 -23.57
C ASP A 268 4.10 4.84 -22.40
N LEU A 269 4.43 5.42 -21.23
CA LEU A 269 4.72 4.62 -20.04
C LEU A 269 3.50 3.78 -19.60
N LEU A 270 2.31 4.40 -19.61
CA LEU A 270 1.04 3.79 -19.22
C LEU A 270 0.56 2.73 -20.19
N ARG A 271 0.91 2.81 -21.49
CA ARG A 271 0.52 1.73 -22.43
C ARG A 271 1.34 0.48 -22.18
N ASN A 272 2.57 0.66 -21.67
CA ASN A 272 3.48 -0.43 -21.36
C ASN A 272 3.21 -1.07 -20.00
N LEU A 273 2.73 -0.28 -19.03
CA LEU A 273 2.36 -0.79 -17.70
C LEU A 273 1.01 -1.45 -17.75
N LEU A 274 0.06 -0.84 -18.46
CA LEU A 274 -1.32 -1.37 -18.56
C LEU A 274 -1.46 -2.26 -19.80
N GLN A 275 -0.50 -3.16 -19.91
CA GLN A 275 -0.35 -4.10 -20.97
C GLN A 275 -0.96 -5.46 -20.54
N VAL A 276 -2.03 -5.87 -21.24
CA VAL A 276 -2.67 -7.16 -21.02
C VAL A 276 -1.65 -8.30 -21.30
N ASP A 277 -0.87 -8.19 -22.40
CA ASP A 277 0.17 -9.14 -22.78
C ASP A 277 1.38 -9.10 -21.82
N LEU A 278 1.51 -10.14 -20.98
CA LEU A 278 2.61 -10.32 -20.02
C LEU A 278 4.02 -10.35 -20.62
N THR A 279 4.17 -10.81 -21.87
CA THR A 279 5.48 -10.85 -22.54
C THR A 279 5.89 -9.44 -22.98
N LYS A 280 4.95 -8.46 -22.84
CA LYS A 280 5.18 -7.08 -23.23
C LYS A 280 5.06 -6.09 -22.05
N ARG A 281 4.52 -6.51 -20.87
CA ARG A 281 4.33 -5.62 -19.73
C ARG A 281 5.64 -5.19 -19.08
N PHE A 282 5.87 -3.86 -19.00
CA PHE A 282 7.04 -3.27 -18.32
C PHE A 282 7.10 -3.73 -16.89
N GLY A 283 8.31 -4.02 -16.45
CA GLY A 283 8.56 -4.55 -15.12
C GLY A 283 8.68 -6.07 -15.21
N ASN A 284 8.07 -6.69 -16.25
CA ASN A 284 8.02 -8.15 -16.47
C ASN A 284 9.00 -8.72 -17.52
N LEU A 285 9.83 -7.86 -18.09
CA LEU A 285 10.73 -8.26 -19.17
C LEU A 285 12.15 -8.57 -18.72
N LYS A 286 13.03 -8.93 -19.66
CA LYS A 286 14.43 -9.30 -19.42
C LYS A 286 15.14 -8.21 -18.60
N ASN A 287 14.97 -6.92 -19.01
CA ASN A 287 15.55 -5.76 -18.33
C ASN A 287 14.91 -5.42 -16.98
N GLY A 288 13.84 -6.13 -16.61
CA GLY A 288 13.14 -5.99 -15.34
C GLY A 288 12.68 -4.58 -15.05
N VAL A 289 12.99 -4.06 -13.85
CA VAL A 289 12.59 -2.72 -13.41
C VAL A 289 13.25 -1.57 -14.21
N ASN A 290 14.42 -1.85 -14.86
CA ASN A 290 15.14 -0.85 -15.66
C ASN A 290 14.36 -0.36 -16.86
N ASP A 291 13.40 -1.18 -17.37
CA ASP A 291 12.53 -0.72 -18.47
C ASP A 291 11.68 0.49 -17.96
N ILE A 292 11.36 0.50 -16.66
CA ILE A 292 10.61 1.59 -16.04
C ILE A 292 11.52 2.74 -15.66
N LYS A 293 12.58 2.46 -14.88
CA LYS A 293 13.50 3.49 -14.39
C LYS A 293 14.09 4.35 -15.52
N ASN A 294 14.41 3.72 -16.67
CA ASN A 294 14.97 4.36 -17.85
C ASN A 294 13.94 4.85 -18.86
N HIS A 295 12.63 4.79 -18.55
CA HIS A 295 11.63 5.31 -19.48
C HIS A 295 11.77 6.84 -19.53
N LYS A 296 11.40 7.45 -20.67
CA LYS A 296 11.49 8.90 -20.88
C LYS A 296 10.70 9.72 -19.86
N TRP A 297 9.53 9.23 -19.40
CA TRP A 297 8.75 9.94 -18.38
C TRP A 297 9.53 10.09 -17.06
N PHE A 298 10.47 9.18 -16.79
CA PHE A 298 11.31 9.25 -15.60
C PHE A 298 12.67 9.90 -15.82
N ALA A 299 12.95 10.47 -17.02
CA ALA A 299 14.27 11.07 -17.33
C ALA A 299 14.79 12.07 -16.30
N THR A 300 13.91 12.89 -15.70
CA THR A 300 14.31 13.89 -14.69
C THR A 300 14.50 13.32 -13.29
N THR A 301 14.02 12.09 -13.05
CA THR A 301 14.13 11.42 -11.76
C THR A 301 15.57 10.93 -11.50
N ASP A 302 16.13 11.33 -10.34
CA ASP A 302 17.43 10.91 -9.82
C ASP A 302 17.01 9.88 -8.76
N TRP A 303 17.07 8.58 -9.11
CA TRP A 303 16.66 7.46 -8.23
C TRP A 303 17.35 7.45 -6.87
N ILE A 304 18.66 7.73 -6.80
CA ILE A 304 19.41 7.76 -5.53
C ILE A 304 18.93 8.89 -4.61
N ALA A 305 18.76 10.13 -5.17
CA ALA A 305 18.26 11.30 -4.44
C ALA A 305 16.88 11.04 -3.87
N ILE A 306 16.02 10.30 -4.62
CA ILE A 306 14.69 9.92 -4.13
C ILE A 306 14.80 8.97 -2.92
N TYR A 307 15.62 7.89 -3.05
CA TYR A 307 15.85 6.91 -1.98
C TYR A 307 16.42 7.59 -0.74
N GLN A 308 17.37 8.52 -0.94
CA GLN A 308 18.03 9.25 0.15
C GLN A 308 17.15 10.36 0.76
N ARG A 309 15.94 10.59 0.18
CA ARG A 309 14.98 11.60 0.61
C ARG A 309 15.53 13.04 0.47
N LYS A 310 16.38 13.28 -0.54
CA LYS A 310 17.03 14.59 -0.77
C LYS A 310 16.23 15.54 -1.69
N VAL A 311 15.25 14.98 -2.42
CA VAL A 311 14.41 15.76 -3.34
C VAL A 311 13.36 16.53 -2.52
N GLU A 312 13.09 17.80 -2.88
CA GLU A 312 12.07 18.62 -2.22
C GLU A 312 10.71 18.10 -2.65
N ALA A 313 9.84 17.76 -1.69
CA ALA A 313 8.51 17.23 -1.94
C ALA A 313 7.60 18.31 -2.56
N PRO A 314 6.72 17.93 -3.53
CA PRO A 314 5.85 18.94 -4.14
C PRO A 314 4.79 19.48 -3.17
N PHE A 315 4.45 18.69 -2.13
CA PHE A 315 3.41 19.01 -1.15
C PHE A 315 3.80 18.58 0.25
N ILE A 316 3.64 19.48 1.21
CA ILE A 316 3.93 19.27 2.63
C ILE A 316 2.59 19.35 3.38
N PRO A 317 2.11 18.25 4.02
CA PRO A 317 0.82 18.34 4.75
C PRO A 317 0.87 19.28 5.95
N LYS A 318 -0.30 19.79 6.34
CA LYS A 318 -0.47 20.69 7.49
C LYS A 318 -0.27 19.85 8.77
N PHE A 319 0.60 20.32 9.68
CA PHE A 319 0.90 19.59 10.93
C PHE A 319 0.85 20.52 12.12
N LYS A 320 -0.31 20.56 12.82
CA LYS A 320 -0.54 21.42 13.99
C LYS A 320 0.34 21.07 15.19
N GLY A 321 0.64 19.77 15.37
CA GLY A 321 1.47 19.28 16.45
C GLY A 321 1.55 17.77 16.54
N PRO A 322 2.20 17.23 17.60
N PRO A 322 2.32 17.18 17.51
CA PRO A 322 2.18 15.77 17.80
CA PRO A 322 2.50 15.71 17.55
C PRO A 322 0.79 15.34 18.26
C PRO A 322 1.32 14.73 17.47
N GLY A 323 0.32 14.22 17.72
N GLY A 323 0.26 14.97 18.26
CA GLY A 323 -1.00 13.69 18.04
CA GLY A 323 -0.91 14.09 18.28
C GLY A 323 -2.15 14.33 17.29
C GLY A 323 -2.13 14.64 17.55
N ASP A 324 -1.88 15.36 16.45
CA ASP A 324 -2.91 16.01 15.64
C ASP A 324 -3.42 15.02 14.59
N THR A 325 -4.75 14.92 14.41
CA THR A 325 -5.40 14.00 13.47
C THR A 325 -6.26 14.69 12.37
N SER A 326 -6.04 16.00 12.13
CA SER A 326 -6.80 16.80 11.15
CA SER A 326 -6.81 16.79 11.15
C SER A 326 -6.76 16.26 9.71
N ASN A 327 -5.71 15.52 9.36
CA ASN A 327 -5.56 14.95 8.00
C ASN A 327 -6.35 13.64 7.79
N PHE A 328 -7.07 13.19 8.81
CA PHE A 328 -7.86 11.97 8.77
C PHE A 328 -9.34 12.28 9.03
N ASP A 329 -10.20 11.44 8.48
CA ASP A 329 -11.64 11.53 8.68
C ASP A 329 -12.03 11.06 10.10
N ASP A 330 -13.27 11.38 10.52
CA ASP A 330 -13.78 10.97 11.83
C ASP A 330 -14.57 9.66 11.70
N TYR A 331 -14.43 8.78 12.70
CA TYR A 331 -15.06 7.46 12.73
C TYR A 331 -15.75 7.22 14.04
N GLU A 332 -16.77 6.36 14.01
CA GLU A 332 -17.53 5.97 15.19
C GLU A 332 -16.59 5.16 16.08
N GLU A 333 -16.41 5.60 17.34
CA GLU A 333 -15.55 4.96 18.32
C GLU A 333 -16.28 3.78 18.96
N GLU A 334 -15.56 2.66 19.15
CA GLU A 334 -16.05 1.45 19.80
C GLU A 334 -15.05 1.02 20.87
N GLU A 335 -15.53 0.54 22.03
CA GLU A 335 -14.65 0.07 23.11
C GLU A 335 -13.95 -1.24 22.74
N ILE A 336 -12.65 -1.36 23.08
CA ILE A 336 -11.84 -2.57 22.86
C ILE A 336 -12.24 -3.56 23.95
N ARG A 337 -13.00 -4.60 23.59
CA ARG A 337 -13.45 -5.61 24.57
C ARG A 337 -12.60 -6.88 24.51
N VAL A 338 -11.98 -7.23 25.64
CA VAL A 338 -11.11 -8.39 25.75
C VAL A 338 -11.89 -9.45 26.52
N SEP A 339 -12.16 -10.60 25.89
CA SEP A 339 -12.90 -11.67 26.56
CB SEP A 339 -13.28 -12.68 25.50
OG SEP A 339 -13.80 -13.89 26.07
C SEP A 339 -12.05 -12.35 27.68
O SEP A 339 -10.82 -12.25 27.69
P SEP A 339 -15.37 -13.90 26.23
O1P SEP A 339 -15.65 -13.06 27.46
O2P SEP A 339 -16.06 -13.29 25.04
O3P SEP A 339 -15.81 -15.32 26.45
N ILE A 340 -12.73 -13.01 28.63
CA ILE A 340 -12.05 -13.75 29.70
C ILE A 340 -11.55 -15.08 29.14
N ASN A 341 -12.02 -15.42 27.93
CA ASN A 341 -11.67 -16.68 27.26
C ASN A 341 -10.82 -16.44 26.02
N GLU A 342 -9.74 -17.21 25.90
CA GLU A 342 -8.87 -17.10 24.73
C GLU A 342 -9.59 -17.61 23.46
N LYS A 343 -9.68 -16.73 22.42
CA LYS A 343 -10.31 -17.13 21.15
C LYS A 343 -9.26 -17.49 20.13
N CYS A 344 -9.52 -18.53 19.32
CA CYS A 344 -8.70 -18.94 18.17
C CYS A 344 -7.21 -19.02 18.48
N GLY A 345 -6.86 -19.64 19.60
CA GLY A 345 -5.47 -19.73 20.05
C GLY A 345 -4.56 -20.42 19.06
N LYS A 346 -4.98 -21.60 18.59
CA LYS A 346 -4.24 -22.43 17.63
C LYS A 346 -3.99 -21.74 16.31
N GLU A 347 -5.02 -21.11 15.72
CA GLU A 347 -4.96 -20.40 14.44
C GLU A 347 -3.90 -19.30 14.43
N PHE A 348 -3.79 -18.53 15.54
CA PHE A 348 -2.86 -17.40 15.61
C PHE A 348 -1.65 -17.62 16.48
N SER A 349 -1.33 -18.89 16.74
CA SER A 349 -0.19 -19.33 17.56
C SER A 349 1.13 -18.62 17.18
N GLU A 350 1.43 -18.51 15.87
CA GLU A 350 2.70 -17.88 15.44
C GLU A 350 2.70 -16.32 15.48
N PHE A 351 1.53 -15.70 15.70
CA PHE A 351 1.46 -14.24 15.73
C PHE A 351 2.24 -13.70 16.95
N THR B 1 -18.19 15.23 -19.38
CA THR B 1 -16.77 14.91 -19.30
C THR B 1 -16.59 13.66 -18.46
N THR B 2 -15.45 12.97 -18.60
CA THR B 2 -15.07 11.78 -17.83
C THR B 2 -14.96 12.09 -16.34
N TYR B 3 -14.32 13.21 -15.96
CA TYR B 3 -14.26 13.70 -14.58
C TYR B 3 -15.71 13.86 -14.03
N ALA B 4 -16.63 14.53 -14.76
CA ALA B 4 -18.01 14.67 -14.29
C ALA B 4 -18.69 13.30 -14.11
N ASP B 5 -18.39 12.32 -15.00
CA ASP B 5 -18.94 10.96 -14.90
C ASP B 5 -18.38 10.23 -13.68
N PHE B 6 -17.10 10.39 -13.43
CA PHE B 6 -16.48 9.78 -12.25
C PHE B 6 -17.07 10.37 -10.97
N ILE B 7 -17.16 11.69 -10.87
CA ILE B 7 -17.66 12.38 -9.65
C ILE B 7 -19.12 12.05 -9.32
N ALA B 8 -19.92 11.72 -10.35
CA ALA B 8 -21.34 11.38 -10.17
C ALA B 8 -21.46 9.88 -9.87
N SER B 9 -20.37 9.12 -9.99
CA SER B 9 -20.42 7.67 -9.76
C SER B 9 -20.48 7.34 -8.26
N GLY B 10 -20.80 6.09 -7.93
CA GLY B 10 -20.80 5.64 -6.54
C GLY B 10 -19.43 5.16 -6.09
N ARG B 11 -18.37 5.34 -6.92
CA ARG B 11 -17.02 4.86 -6.60
C ARG B 11 -15.92 5.92 -6.36
N THR B 12 -16.30 7.05 -5.75
CA THR B 12 -15.37 8.16 -5.44
C THR B 12 -14.89 8.14 -4.01
N GLY B 13 -15.53 7.33 -3.17
CA GLY B 13 -15.14 7.17 -1.77
C GLY B 13 -14.06 6.09 -1.65
N ARG B 14 -13.65 5.73 -0.41
CA ARG B 14 -12.66 4.69 -0.15
C ARG B 14 -13.21 3.37 -0.71
N ARG B 15 -12.43 2.69 -1.52
CA ARG B 15 -12.89 1.46 -2.17
C ARG B 15 -12.49 0.25 -1.36
N ASN B 16 -13.46 -0.64 -1.16
CA ASN B 16 -13.23 -1.88 -0.40
C ASN B 16 -12.46 -2.92 -1.23
N ALA B 17 -11.64 -3.70 -0.55
CA ALA B 17 -10.92 -4.83 -1.10
C ALA B 17 -11.95 -5.92 -1.54
N ILE B 18 -11.54 -6.79 -2.47
CA ILE B 18 -12.27 -7.94 -2.96
C ILE B 18 -11.49 -9.18 -2.50
C12 QNI C . -0.07 2.65 9.80
N3 QNI C . -1.35 2.75 9.52
N4 QNI C . 0.51 3.83 10.13
C13 QNI C . -0.48 4.77 10.07
N5 QNI C . -0.39 6.07 10.39
C QNI C . -1.55 6.74 10.33
C11 QNI C . -1.63 4.09 9.68
C1 QNI C . -2.77 4.97 9.64
N QNI C . -2.76 6.28 9.97
N1 QNI C . -4.03 4.49 9.28
C10 QNI C . -4.34 3.09 8.77
C5 QNI C . -4.94 3.13 7.36
C4 QNI C . -6.17 4.07 7.38
C3 QNI C . -5.87 5.47 7.93
C2 QNI C . -5.21 5.37 9.30
C9 QNI C . -5.40 1.71 6.97
C8 QNI C . -5.88 1.65 5.54
N2 QNI C . -4.82 2.06 4.59
C7 QNI C . -4.28 3.42 4.91
C6 QNI C . -3.88 3.60 6.35
C MOH D . 16.66 0.13 3.09
O MOH D . 16.95 1.40 3.57
C MOH E . 2.05 -17.99 2.29
O MOH E . 1.35 -18.03 3.53
C MOH F . 20.26 -14.44 0.40
O MOH F . 20.53 -13.77 1.61
C MOH G . 20.43 -8.55 -6.86
O MOH G . 21.30 -8.58 -5.75
C MOH H . 17.65 -10.28 -4.92
O MOH H . 18.72 -10.02 -4.05
C MOH I . 24.85 -9.74 -5.72
O MOH I . 25.72 -8.73 -5.23
C1 GOL J . -8.08 15.28 4.73
O1 GOL J . -9.48 15.13 4.97
C2 GOL J . -7.76 16.60 4.07
O2 GOL J . -8.08 16.53 2.67
C3 GOL J . -6.30 16.92 4.23
O3 GOL J . -6.12 18.07 5.06
C1 GOL K . -5.61 -10.39 28.09
O1 GOL K . -5.91 -11.56 27.31
C2 GOL K . -4.49 -9.56 27.47
O2 GOL K . -3.21 -10.06 27.89
C3 GOL K . -4.63 -8.09 27.74
O3 GOL K . -4.83 -7.30 26.55
C1 GOL L . 17.50 1.47 -3.86
O1 GOL L . 16.97 0.51 -4.77
C2 GOL L . 18.78 2.07 -4.39
O2 GOL L . 19.45 1.12 -5.22
C3 GOL L . 19.65 2.41 -3.21
O3 GOL L . 21.03 2.35 -3.56
C1 GOL M . 16.94 -5.19 4.65
O1 GOL M . 15.66 -5.43 4.09
C2 GOL M . 17.35 -3.73 4.68
O2 GOL M . 17.65 -3.40 6.03
C3 GOL M . 18.62 -3.53 3.87
O3 GOL M . 18.76 -2.20 3.41
C MOH N . -15.18 -12.28 -10.38
O MOH N . -13.85 -12.21 -10.79
#